data_1D1K
#
_entry.id   1D1K
#
_cell.length_a   44.223
_cell.length_b   44.131
_cell.length_c   53.710
_cell.angle_alpha   106.05
_cell.angle_beta   106.38
_cell.angle_gamma   99.26
#
_symmetry.space_group_name_H-M   'P 1'
#
loop_
_entity.id
_entity.type
_entity.pdbx_description
1 polymer 'SHIGA-LIKE TOXIN I SUBUNIT B'
2 branched alpha-D-galactopyranose-(1-4)-beta-D-galactopyranose-(1-4)-alpha-D-glucopyranose
3 water water
#
_entity_poly.entity_id   1
_entity_poly.type   'polypeptide(L)'
_entity_poly.pdbx_seq_one_letter_code
;TPDCVTGKVEYTKYNDEDTFTVKVGDKELFTNRANLQSLLLSAQITGMTVTIKTNACHNGGGFSEVIFR
;
_entity_poly.pdbx_strand_id   A,B,C,D,E
#
# COMPACT_ATOMS: atom_id res chain seq x y z
N THR A 1 21.84 -9.87 -15.26
CA THR A 1 22.37 -8.56 -14.81
C THR A 1 23.18 -8.77 -13.53
N PRO A 2 24.40 -8.20 -13.47
CA PRO A 2 25.28 -8.33 -12.31
C PRO A 2 24.87 -7.53 -11.08
N ASP A 3 25.21 -8.07 -9.91
CA ASP A 3 24.93 -7.42 -8.64
C ASP A 3 25.74 -6.14 -8.57
N CYS A 4 25.12 -5.08 -8.08
CA CYS A 4 25.81 -3.81 -7.94
C CYS A 4 26.08 -3.60 -6.46
N VAL A 5 25.03 -3.56 -5.64
CA VAL A 5 25.15 -3.39 -4.20
C VAL A 5 24.17 -4.28 -3.44
N THR A 6 24.54 -4.59 -2.21
CA THR A 6 23.71 -5.39 -1.32
C THR A 6 23.83 -4.74 0.05
N GLY A 7 22.70 -4.64 0.75
CA GLY A 7 22.71 -4.04 2.06
C GLY A 7 21.34 -3.50 2.40
N LYS A 8 21.25 -2.81 3.53
CA LYS A 8 20.00 -2.22 3.95
C LYS A 8 19.87 -0.82 3.36
N VAL A 9 18.64 -0.39 3.13
CA VAL A 9 18.35 0.92 2.57
C VAL A 9 18.66 2.02 3.58
N GLU A 10 19.65 2.85 3.25
CA GLU A 10 20.10 3.95 4.11
C GLU A 10 19.08 5.08 4.10
N TYR A 11 18.59 5.39 2.90
CA TYR A 11 17.55 6.41 2.72
C TYR A 11 17.00 6.36 1.31
N THR A 12 15.82 6.91 1.15
CA THR A 12 15.19 6.98 -0.16
C THR A 12 14.86 8.43 -0.46
N LYS A 13 14.67 8.74 -1.73
CA LYS A 13 14.34 10.10 -2.14
C LYS A 13 13.42 10.14 -3.34
N TYR A 14 12.35 10.92 -3.23
CA TYR A 14 11.43 11.10 -4.35
C TYR A 14 12.02 12.30 -5.10
N ASN A 15 12.18 12.15 -6.40
CA ASN A 15 12.76 13.19 -7.24
C ASN A 15 11.72 13.97 -8.02
N ASP A 16 12.08 15.19 -8.42
CA ASP A 16 11.19 16.07 -9.17
C ASP A 16 10.70 15.47 -10.49
N GLU A 17 11.53 14.64 -11.11
CA GLU A 17 11.19 14.01 -12.38
C GLU A 17 10.42 12.69 -12.22
N ASP A 18 9.81 12.52 -11.05
CA ASP A 18 9.02 11.32 -10.70
C ASP A 18 9.82 10.00 -10.61
N THR A 19 11.14 10.11 -10.47
CA THR A 19 11.97 8.91 -10.31
C THR A 19 12.20 8.70 -8.81
N PHE A 20 12.70 7.53 -8.44
CA PHE A 20 12.95 7.22 -7.05
C PHE A 20 14.40 6.82 -6.80
N THR A 21 15.04 7.50 -5.87
CA THR A 21 16.43 7.24 -5.52
C THR A 21 16.59 6.44 -4.23
N VAL A 22 17.52 5.49 -4.24
CA VAL A 22 17.82 4.67 -3.06
C VAL A 22 19.32 4.68 -2.78
N LYS A 23 19.66 4.69 -1.50
CA LYS A 23 21.05 4.66 -1.09
C LYS A 23 21.28 3.33 -0.41
N VAL A 24 22.04 2.46 -1.07
CA VAL A 24 22.37 1.15 -0.52
C VAL A 24 23.88 0.99 -0.63
N GLY A 25 24.52 0.70 0.50
CA GLY A 25 25.96 0.55 0.53
C GLY A 25 26.66 1.88 0.30
N ASP A 26 27.50 1.94 -0.72
CA ASP A 26 28.21 3.17 -1.02
C ASP A 26 27.67 3.89 -2.26
N LYS A 27 26.57 3.37 -2.81
CA LYS A 27 25.97 3.92 -4.01
C LYS A 27 24.57 4.50 -3.85
N GLU A 28 24.31 5.55 -4.61
CA GLU A 28 23.01 6.20 -4.65
C GLU A 28 22.52 5.86 -6.06
N LEU A 29 21.43 5.10 -6.16
CA LEU A 29 20.90 4.69 -7.46
C LEU A 29 19.43 5.10 -7.63
N PHE A 30 18.99 5.28 -8.87
CA PHE A 30 17.60 5.67 -9.12
C PHE A 30 16.86 4.69 -10.04
N THR A 31 15.54 4.71 -9.94
CA THR A 31 14.70 3.86 -10.77
C THR A 31 13.51 4.66 -11.30
N ASN A 32 13.14 4.43 -12.55
CA ASN A 32 11.99 5.12 -13.15
C ASN A 32 10.74 4.23 -13.07
N ARG A 33 10.84 3.11 -12.36
CA ARG A 33 9.73 2.18 -12.20
C ARG A 33 8.88 2.60 -11.00
N ALA A 34 7.71 3.16 -11.29
CA ALA A 34 6.79 3.63 -10.26
C ALA A 34 6.40 2.54 -9.24
N ASN A 35 6.18 1.32 -9.71
CA ASN A 35 5.80 0.21 -8.83
C ASN A 35 6.81 -0.08 -7.72
N LEU A 36 8.07 0.25 -7.96
CA LEU A 36 9.14 0.03 -7.00
C LEU A 36 9.18 0.99 -5.82
N GLN A 37 8.50 2.13 -5.93
CA GLN A 37 8.50 3.11 -4.85
C GLN A 37 7.99 2.60 -3.51
N SER A 38 6.75 2.09 -3.48
CA SER A 38 6.19 1.58 -2.22
C SER A 38 6.93 0.33 -1.71
N LEU A 39 7.40 -0.49 -2.63
CA LEU A 39 8.14 -1.70 -2.30
C LEU A 39 9.46 -1.36 -1.60
N LEU A 40 10.19 -0.40 -2.17
CA LEU A 40 11.45 0.02 -1.61
C LEU A 40 11.31 0.71 -0.25
N LEU A 41 10.28 1.55 -0.10
CA LEU A 41 10.05 2.21 1.17
C LEU A 41 9.69 1.17 2.23
N SER A 42 8.92 0.14 1.83
CA SER A 42 8.54 -0.93 2.75
C SER A 42 9.78 -1.69 3.24
N ALA A 43 10.71 -1.93 2.32
CA ALA A 43 11.95 -2.63 2.63
C ALA A 43 12.79 -1.79 3.59
N GLN A 44 12.78 -0.47 3.35
CA GLN A 44 13.52 0.45 4.20
C GLN A 44 12.98 0.41 5.63
N ILE A 45 11.66 0.56 5.76
CA ILE A 45 10.98 0.55 7.05
C ILE A 45 11.16 -0.74 7.85
N THR A 46 11.06 -1.88 7.18
CA THR A 46 11.18 -3.17 7.84
C THR A 46 12.62 -3.71 7.97
N GLY A 47 13.58 -2.94 7.47
CA GLY A 47 14.97 -3.32 7.55
C GLY A 47 15.39 -4.52 6.71
N MET A 48 14.74 -4.72 5.57
CA MET A 48 15.07 -5.83 4.69
C MET A 48 16.43 -5.65 4.01
N THR A 49 17.04 -6.76 3.61
CA THR A 49 18.30 -6.71 2.90
C THR A 49 17.93 -6.66 1.43
N VAL A 50 18.46 -5.65 0.75
CA VAL A 50 18.18 -5.44 -0.66
C VAL A 50 19.42 -5.64 -1.52
N THR A 51 19.23 -6.23 -2.69
CA THR A 51 20.30 -6.43 -3.66
C THR A 51 19.86 -5.79 -4.96
N ILE A 52 20.61 -4.80 -5.40
CA ILE A 52 20.29 -4.11 -6.65
C ILE A 52 21.20 -4.57 -7.78
N LYS A 53 20.57 -4.99 -8.87
CA LYS A 53 21.32 -5.44 -10.05
C LYS A 53 21.24 -4.38 -11.14
N THR A 54 22.39 -3.96 -11.62
CA THR A 54 22.45 -2.98 -12.70
C THR A 54 23.84 -2.92 -13.34
N ASN A 55 23.84 -2.59 -14.64
CA ASN A 55 25.08 -2.45 -15.38
C ASN A 55 25.64 -1.05 -15.15
N ALA A 56 24.76 -0.14 -14.71
CA ALA A 56 25.14 1.23 -14.40
C ALA A 56 25.45 1.33 -12.93
N CYS A 57 26.43 0.53 -12.49
CA CYS A 57 26.83 0.48 -11.10
C CYS A 57 27.78 1.63 -10.72
N HIS A 58 27.18 2.78 -10.44
CA HIS A 58 27.89 3.98 -10.05
C HIS A 58 26.86 4.96 -9.50
N ASN A 59 27.29 5.95 -8.73
CA ASN A 59 26.37 6.95 -8.19
C ASN A 59 25.59 7.65 -9.29
N GLY A 60 24.26 7.68 -9.12
CA GLY A 60 23.39 8.30 -10.10
C GLY A 60 22.99 7.30 -11.19
N GLY A 61 23.44 6.05 -11.03
CA GLY A 61 23.11 5.01 -11.99
C GLY A 61 21.65 4.56 -11.89
N GLY A 62 21.07 4.14 -13.01
CA GLY A 62 19.70 3.69 -13.02
C GLY A 62 19.59 2.19 -12.83
N PHE A 63 18.45 1.73 -12.33
CA PHE A 63 18.23 0.30 -12.12
C PHE A 63 16.75 -0.03 -12.21
N SER A 64 16.45 -1.32 -12.36
CA SER A 64 15.09 -1.80 -12.42
C SER A 64 14.97 -3.12 -11.67
N GLU A 65 16.11 -3.80 -11.51
CA GLU A 65 16.12 -5.09 -10.83
C GLU A 65 16.53 -5.02 -9.37
N VAL A 66 15.67 -5.56 -8.50
CA VAL A 66 15.90 -5.55 -7.06
C VAL A 66 15.48 -6.87 -6.42
N ILE A 67 16.32 -7.39 -5.53
CA ILE A 67 16.03 -8.61 -4.80
C ILE A 67 15.75 -8.24 -3.34
N PHE A 68 14.62 -8.71 -2.82
CA PHE A 68 14.20 -8.45 -1.44
C PHE A 68 14.38 -9.68 -0.57
N ARG A 69 15.17 -9.56 0.49
CA ARG A 69 15.45 -10.67 1.41
C ARG A 69 15.03 -10.33 2.83
N THR B 1 -6.56 -25.63 -10.80
CA THR B 1 -5.08 -25.61 -10.93
C THR B 1 -4.43 -26.31 -9.73
N PRO B 2 -3.47 -27.22 -9.99
CA PRO B 2 -2.78 -27.95 -8.93
C PRO B 2 -1.74 -27.14 -8.16
N ASP B 3 -1.58 -27.50 -6.89
CA ASP B 3 -0.61 -26.87 -5.99
C ASP B 3 0.79 -27.16 -6.51
N CYS B 4 1.63 -26.14 -6.53
CA CYS B 4 3.01 -26.31 -6.97
C CYS B 4 3.91 -26.32 -5.73
N VAL B 5 3.87 -25.25 -4.95
CA VAL B 5 4.66 -25.14 -3.74
C VAL B 5 3.88 -24.46 -2.62
N THR B 6 4.26 -24.79 -1.39
CA THR B 6 3.65 -24.21 -0.19
C THR B 6 4.80 -23.91 0.77
N GLY B 7 4.75 -22.73 1.37
CA GLY B 7 5.80 -22.35 2.30
C GLY B 7 5.89 -20.85 2.46
N LYS B 8 6.94 -20.40 3.13
CA LYS B 8 7.14 -18.99 3.34
C LYS B 8 8.01 -18.44 2.22
N VAL B 9 7.81 -17.18 1.89
CA VAL B 9 8.56 -16.52 0.83
C VAL B 9 10.00 -16.27 1.27
N GLU B 10 10.93 -16.95 0.61
CA GLU B 10 12.35 -16.82 0.92
C GLU B 10 12.86 -15.44 0.46
N TYR B 11 12.51 -15.07 -0.76
CA TYR B 11 12.87 -13.78 -1.33
C TYR B 11 12.02 -13.47 -2.55
N THR B 12 11.99 -12.19 -2.89
CA THR B 12 11.26 -11.73 -4.06
C THR B 12 12.23 -10.93 -4.92
N LYS B 13 11.89 -10.79 -6.19
CA LYS B 13 12.74 -10.07 -7.13
C LYS B 13 11.92 -9.35 -8.19
N TYR B 14 12.21 -8.07 -8.36
CA TYR B 14 11.53 -7.28 -9.39
C TYR B 14 12.44 -7.45 -10.62
N ASN B 15 11.85 -7.85 -11.74
CA ASN B 15 12.59 -8.08 -12.96
C ASN B 15 12.51 -6.93 -13.95
N ASP B 16 13.48 -6.88 -14.86
CA ASP B 16 13.57 -5.83 -15.87
C ASP B 16 12.33 -5.73 -16.77
N GLU B 17 11.72 -6.88 -17.04
CA GLU B 17 10.52 -6.94 -17.89
C GLU B 17 9.21 -6.67 -17.14
N ASP B 18 9.32 -6.06 -15.96
CA ASP B 18 8.19 -5.71 -15.11
C ASP B 18 7.43 -6.88 -14.49
N THR B 19 8.08 -8.05 -14.46
CA THR B 19 7.46 -9.23 -13.85
C THR B 19 8.00 -9.33 -12.42
N PHE B 20 7.40 -10.21 -11.63
CA PHE B 20 7.80 -10.37 -10.24
C PHE B 20 8.10 -11.83 -9.95
N THR B 21 9.29 -12.09 -9.41
CA THR B 21 9.72 -13.43 -9.08
C THR B 21 9.65 -13.72 -7.59
N VAL B 22 9.22 -14.94 -7.24
CA VAL B 22 9.14 -15.34 -5.83
C VAL B 22 9.81 -16.69 -5.64
N LYS B 23 10.48 -16.86 -4.51
CA LYS B 23 11.14 -18.11 -4.20
C LYS B 23 10.39 -18.71 -3.03
N VAL B 24 9.67 -19.80 -3.28
CA VAL B 24 8.92 -20.50 -2.24
C VAL B 24 9.30 -21.98 -2.36
N GLY B 25 9.76 -22.56 -1.25
CA GLY B 25 10.17 -23.94 -1.26
C GLY B 25 11.45 -24.11 -2.06
N ASP B 26 11.42 -25.03 -3.03
CA ASP B 26 12.59 -25.27 -3.87
C ASP B 26 12.45 -24.65 -5.26
N LYS B 27 11.36 -23.91 -5.48
CA LYS B 27 11.09 -23.29 -6.78
C LYS B 27 11.14 -21.76 -6.80
N GLU B 28 11.60 -21.24 -7.93
CA GLU B 28 11.65 -19.80 -8.16
C GLU B 28 10.62 -19.62 -9.27
N LEU B 29 9.54 -18.89 -8.99
CA LEU B 29 8.46 -18.68 -9.94
C LEU B 29 8.18 -17.19 -10.21
N PHE B 30 7.67 -16.86 -11.39
CA PHE B 30 7.36 -15.48 -11.72
C PHE B 30 5.89 -15.26 -12.06
N THR B 31 5.46 -14.01 -11.95
CA THR B 31 4.10 -13.62 -12.28
C THR B 31 4.10 -12.28 -13.02
N ASN B 32 3.22 -12.15 -14.02
CA ASN B 32 3.10 -10.92 -14.78
C ASN B 32 1.92 -10.08 -14.27
N ARG B 33 1.35 -10.49 -13.14
CA ARG B 33 0.22 -9.78 -12.54
C ARG B 33 0.76 -8.72 -11.60
N ALA B 34 0.71 -7.47 -12.04
CA ALA B 34 1.20 -6.33 -11.27
C ALA B 34 0.59 -6.21 -9.86
N ASN B 35 -0.70 -6.52 -9.73
CA ASN B 35 -1.41 -6.44 -8.45
C ASN B 35 -0.82 -7.37 -7.37
N LEU B 36 -0.18 -8.45 -7.80
CA LEU B 36 0.42 -9.40 -6.87
C LEU B 36 1.72 -8.94 -6.22
N GLN B 37 2.38 -7.95 -6.80
CA GLN B 37 3.65 -7.45 -6.26
C GLN B 37 3.60 -6.99 -4.79
N SER B 38 2.74 -6.04 -4.48
CA SER B 38 2.63 -5.55 -3.10
C SER B 38 2.08 -6.61 -2.15
N LEU B 39 1.19 -7.46 -2.67
CA LEU B 39 0.60 -8.53 -1.87
C LEU B 39 1.64 -9.56 -1.44
N LEU B 40 2.49 -9.94 -2.39
CA LEU B 40 3.54 -10.91 -2.13
C LEU B 40 4.62 -10.38 -1.19
N LEU B 41 4.98 -9.10 -1.36
CA LEU B 41 5.98 -8.51 -0.48
C LEU B 41 5.41 -8.43 0.95
N SER B 42 4.12 -8.13 1.06
CA SER B 42 3.47 -8.04 2.38
C SER B 42 3.50 -9.40 3.06
N ALA B 43 3.26 -10.44 2.28
CA ALA B 43 3.26 -11.82 2.78
C ALA B 43 4.67 -12.19 3.23
N GLN B 44 5.67 -11.73 2.46
CA GLN B 44 7.06 -12.00 2.78
C GLN B 44 7.45 -11.37 4.12
N ILE B 45 7.13 -10.08 4.27
CA ILE B 45 7.43 -9.31 5.46
C ILE B 45 6.76 -9.85 6.73
N THR B 46 5.49 -10.23 6.62
CA THR B 46 4.74 -10.73 7.76
C THR B 46 4.89 -12.23 8.02
N GLY B 47 5.67 -12.90 7.18
CA GLY B 47 5.89 -14.34 7.34
C GLY B 47 4.70 -15.25 7.08
N MET B 48 3.82 -14.84 6.17
CA MET B 48 2.63 -15.64 5.86
C MET B 48 3.00 -16.90 5.08
N THR B 49 2.13 -17.91 5.19
CA THR B 49 2.34 -19.14 4.44
C THR B 49 1.63 -18.95 3.11
N VAL B 50 2.36 -19.17 2.05
CA VAL B 50 1.85 -18.99 0.69
C VAL B 50 1.78 -20.31 -0.06
N THR B 51 0.74 -20.45 -0.87
CA THR B 51 0.57 -21.63 -1.70
C THR B 51 0.38 -21.15 -3.12
N ILE B 52 1.30 -21.53 -4.00
CA ILE B 52 1.23 -21.13 -5.39
C ILE B 52 0.72 -22.27 -6.25
N LYS B 53 -0.33 -22.00 -7.03
CA LYS B 53 -0.91 -22.99 -7.92
C LYS B 53 -0.51 -22.66 -9.36
N THR B 54 0.06 -23.64 -10.05
CA THR B 54 0.45 -23.46 -11.43
C THR B 54 0.76 -24.80 -12.11
N ASN B 55 0.49 -24.86 -13.40
CA ASN B 55 0.76 -26.04 -14.19
C ASN B 55 2.24 -26.04 -14.61
N ALA B 56 2.84 -24.85 -14.56
CA ALA B 56 4.24 -24.66 -14.90
C ALA B 56 5.05 -24.74 -13.61
N CYS B 57 4.95 -25.88 -12.94
CA CYS B 57 5.65 -26.09 -11.68
C CYS B 57 7.10 -26.52 -11.86
N HIS B 58 7.94 -25.53 -12.13
CA HIS B 58 9.37 -25.73 -12.34
C HIS B 58 10.03 -24.35 -12.22
N ASN B 59 11.32 -24.31 -11.97
CA ASN B 59 12.04 -23.04 -11.87
C ASN B 59 11.87 -22.23 -13.15
N GLY B 60 11.50 -20.96 -12.99
CA GLY B 60 11.27 -20.10 -14.13
C GLY B 60 9.83 -20.18 -14.60
N GLY B 61 9.03 -21.00 -13.93
CA GLY B 61 7.63 -21.14 -14.29
C GLY B 61 6.79 -19.95 -13.90
N GLY B 62 5.75 -19.70 -14.70
CA GLY B 62 4.86 -18.59 -14.43
C GLY B 62 3.65 -19.01 -13.61
N PHE B 63 3.06 -18.06 -12.91
CA PHE B 63 1.88 -18.34 -12.08
C PHE B 63 1.04 -17.07 -11.95
N SER B 64 -0.20 -17.26 -11.53
CA SER B 64 -1.14 -16.17 -11.30
C SER B 64 -1.96 -16.45 -10.04
N GLU B 65 -2.07 -17.73 -9.68
CA GLU B 65 -2.86 -18.13 -8.51
C GLU B 65 -2.03 -18.30 -7.25
N VAL B 66 -2.44 -17.60 -6.19
CA VAL B 66 -1.76 -17.65 -4.91
C VAL B 66 -2.74 -17.63 -3.73
N ILE B 67 -2.49 -18.51 -2.76
CA ILE B 67 -3.31 -18.58 -1.56
C ILE B 67 -2.49 -17.99 -0.40
N PHE B 68 -3.11 -17.08 0.34
CA PHE B 68 -2.45 -16.42 1.48
C PHE B 68 -3.08 -16.92 2.77
N ARG B 69 -2.26 -17.46 3.67
CA ARG B 69 -2.79 -17.95 4.94
C ARG B 69 -1.89 -17.67 6.14
N THR C 1 -28.06 -3.76 1.25
CA THR C 1 -27.61 -5.16 1.00
C THR C 1 -27.45 -5.88 2.35
N PRO C 2 -28.01 -7.11 2.45
CA PRO C 2 -27.95 -7.89 3.68
C PRO C 2 -26.59 -8.50 4.01
N ASP C 3 -26.31 -8.61 5.31
CA ASP C 3 -25.08 -9.21 5.79
C ASP C 3 -25.05 -10.68 5.37
N CYS C 4 -23.90 -11.14 4.90
CA CYS C 4 -23.76 -12.54 4.50
C CYS C 4 -22.95 -13.26 5.57
N VAL C 5 -21.73 -12.79 5.82
CA VAL C 5 -20.86 -13.37 6.84
C VAL C 5 -20.11 -12.30 7.61
N THR C 6 -19.76 -12.63 8.85
CA THR C 6 -18.99 -11.74 9.71
C THR C 6 -17.95 -12.62 10.40
N GLY C 7 -16.73 -12.11 10.48
CA GLY C 7 -15.67 -12.87 11.10
C GLY C 7 -14.31 -12.44 10.61
N LYS C 8 -13.29 -13.19 10.98
CA LYS C 8 -11.94 -12.89 10.56
C LYS C 8 -11.64 -13.62 9.25
N VAL C 9 -10.76 -13.02 8.45
CA VAL C 9 -10.36 -13.61 7.16
C VAL C 9 -9.48 -14.83 7.41
N GLU C 10 -10.00 -16.02 7.09
CA GLU C 10 -9.27 -17.26 7.27
C GLU C 10 -8.13 -17.35 6.24
N TYR C 11 -8.45 -16.97 5.00
CA TYR C 11 -7.46 -16.96 3.92
C TYR C 11 -7.98 -16.20 2.72
N THR C 12 -7.04 -15.76 1.88
CA THR C 12 -7.39 -15.07 0.65
C THR C 12 -6.74 -15.79 -0.52
N LYS C 13 -7.28 -15.56 -1.71
CA LYS C 13 -6.75 -16.21 -2.90
C LYS C 13 -6.85 -15.30 -4.12
N TYR C 14 -5.73 -15.17 -4.84
CA TYR C 14 -5.74 -14.39 -6.06
C TYR C 14 -6.07 -15.42 -7.14
N ASN C 15 -7.06 -15.11 -7.98
CA ASN C 15 -7.50 -16.02 -9.02
C ASN C 15 -6.97 -15.66 -10.40
N ASP C 16 -6.92 -16.66 -11.28
CA ASP C 16 -6.42 -16.51 -12.64
C ASP C 16 -7.15 -15.43 -13.43
N GLU C 17 -8.45 -15.25 -13.15
CA GLU C 17 -9.25 -14.24 -13.83
C GLU C 17 -9.19 -12.84 -13.20
N ASP C 18 -8.14 -12.60 -12.42
CA ASP C 18 -7.90 -11.33 -11.74
C ASP C 18 -8.92 -10.94 -10.65
N THR C 19 -9.69 -11.93 -10.18
CA THR C 19 -10.65 -11.69 -9.11
C THR C 19 -9.96 -12.07 -7.79
N PHE C 20 -10.57 -11.71 -6.67
CA PHE C 20 -9.97 -12.00 -5.37
C PHE C 20 -10.96 -12.73 -4.48
N THR C 21 -10.53 -13.88 -3.96
CA THR C 21 -11.37 -14.69 -3.10
C THR C 21 -11.03 -14.58 -1.62
N VAL C 22 -12.06 -14.53 -0.78
CA VAL C 22 -11.89 -14.44 0.67
C VAL C 22 -12.74 -15.51 1.36
N LYS C 23 -12.18 -16.11 2.39
CA LYS C 23 -12.90 -17.11 3.17
C LYS C 23 -13.16 -16.48 4.52
N VAL C 24 -14.44 -16.21 4.78
CA VAL C 24 -14.88 -15.63 6.05
C VAL C 24 -16.01 -16.51 6.57
N GLY C 25 -15.88 -17.01 7.79
CA GLY C 25 -16.91 -17.86 8.36
C GLY C 25 -16.96 -19.20 7.65
N ASP C 26 -18.13 -19.55 7.14
CA ASP C 26 -18.28 -20.82 6.44
C ASP C 26 -18.36 -20.65 4.91
N LYS C 27 -18.20 -19.41 4.44
CA LYS C 27 -18.29 -19.10 3.02
C LYS C 27 -17.00 -18.61 2.36
N GLU C 28 -16.84 -19.00 1.10
CA GLU C 28 -15.72 -18.56 0.27
C GLU C 28 -16.42 -17.66 -0.74
N LEU C 29 -16.02 -16.37 -0.76
CA LEU C 29 -16.63 -15.39 -1.66
C LEU C 29 -15.58 -14.63 -2.49
N PHE C 30 -15.96 -14.19 -3.67
CA PHE C 30 -15.02 -13.46 -4.54
C PHE C 30 -15.51 -12.05 -4.87
N THR C 31 -14.55 -11.19 -5.24
CA THR C 31 -14.85 -9.84 -5.66
C THR C 31 -14.02 -9.46 -6.88
N ASN C 32 -14.61 -8.72 -7.81
CA ASN C 32 -13.91 -8.27 -9.00
C ASN C 32 -13.39 -6.85 -8.83
N ARG C 33 -13.54 -6.31 -7.62
CA ARG C 33 -13.06 -4.96 -7.33
C ARG C 33 -11.59 -5.00 -6.93
N ALA C 34 -10.73 -4.57 -7.86
CA ALA C 34 -9.29 -4.54 -7.65
C ALA C 34 -8.82 -3.79 -6.40
N ASN C 35 -9.49 -2.68 -6.11
CA ASN C 35 -9.15 -1.86 -4.94
C ASN C 35 -9.27 -2.60 -3.61
N LEU C 36 -10.14 -3.61 -3.57
CA LEU C 36 -10.35 -4.40 -2.36
C LEU C 36 -9.25 -5.39 -2.01
N GLN C 37 -8.43 -5.76 -2.97
CA GLN C 37 -7.36 -6.73 -2.75
C GLN C 37 -6.38 -6.36 -1.62
N SER C 38 -5.78 -5.18 -1.71
CA SER C 38 -4.83 -4.77 -0.66
C SER C 38 -5.52 -4.52 0.68
N LEU C 39 -6.75 -4.02 0.62
CA LEU C 39 -7.54 -3.74 1.81
C LEU C 39 -7.86 -5.02 2.56
N LEU C 40 -8.29 -6.03 1.83
CA LEU C 40 -8.63 -7.32 2.41
C LEU C 40 -7.42 -8.05 2.99
N LEU C 41 -6.28 -7.98 2.29
CA LEU C 41 -5.07 -8.63 2.79
C LEU C 41 -4.64 -7.93 4.08
N SER C 42 -4.72 -6.60 4.11
CA SER C 42 -4.36 -5.83 5.31
C SER C 42 -5.23 -6.25 6.51
N ALA C 43 -6.52 -6.47 6.25
CA ALA C 43 -7.46 -6.90 7.27
C ALA C 43 -7.09 -8.27 7.79
N GLN C 44 -6.66 -9.15 6.87
CA GLN C 44 -6.26 -10.51 7.22
C GLN C 44 -5.04 -10.50 8.13
N ILE C 45 -4.03 -9.73 7.73
CA ILE C 45 -2.77 -9.62 8.46
C ILE C 45 -2.95 -9.04 9.86
N THR C 46 -3.77 -8.01 9.99
CA THR C 46 -4.00 -7.35 11.27
C THR C 46 -5.12 -7.95 12.12
N GLY C 47 -5.75 -9.01 11.62
CA GLY C 47 -6.81 -9.67 12.36
C GLY C 47 -8.10 -8.90 12.55
N MET C 48 -8.44 -8.03 11.59
CA MET C 48 -9.67 -7.25 11.69
C MET C 48 -10.92 -8.11 11.49
N THR C 49 -12.02 -7.64 12.06
CA THR C 49 -13.29 -8.32 11.88
C THR C 49 -13.89 -7.70 10.63
N VAL C 50 -14.29 -8.58 9.72
CA VAL C 50 -14.86 -8.18 8.45
C VAL C 50 -16.30 -8.65 8.32
N THR C 51 -17.12 -7.82 7.69
CA THR C 51 -18.52 -8.15 7.44
C THR C 51 -18.74 -7.98 5.95
N ILE C 52 -19.13 -9.07 5.29
CA ILE C 52 -19.37 -9.00 3.86
C ILE C 52 -20.87 -9.01 3.57
N LYS C 53 -21.32 -8.00 2.83
CA LYS C 53 -22.71 -7.87 2.44
C LYS C 53 -22.88 -8.29 0.98
N THR C 54 -23.79 -9.23 0.74
CA THR C 54 -24.08 -9.69 -0.60
C THR C 54 -25.38 -10.49 -0.67
N ASN C 55 -26.05 -10.36 -1.82
CA ASN C 55 -27.28 -11.09 -2.07
C ASN C 55 -26.93 -12.51 -2.53
N ALA C 56 -25.71 -12.68 -3.03
CA ALA C 56 -25.20 -13.96 -3.48
C ALA C 56 -24.47 -14.62 -2.32
N CYS C 57 -25.19 -14.84 -1.22
CA CYS C 57 -24.61 -15.43 -0.02
C CYS C 57 -24.54 -16.95 -0.07
N HIS C 58 -23.50 -17.44 -0.76
CA HIS C 58 -23.25 -18.86 -0.92
C HIS C 58 -21.81 -19.00 -1.42
N ASN C 59 -21.22 -20.17 -1.27
CA ASN C 59 -19.85 -20.41 -1.73
C ASN C 59 -19.72 -20.13 -3.22
N GLY C 60 -18.75 -19.28 -3.55
CA GLY C 60 -18.52 -18.91 -4.94
C GLY C 60 -19.30 -17.65 -5.28
N GLY C 61 -19.99 -17.09 -4.28
CA GLY C 61 -20.76 -15.88 -4.48
C GLY C 61 -19.89 -14.64 -4.63
N GLY C 62 -20.37 -13.68 -5.41
CA GLY C 62 -19.64 -12.44 -5.62
C GLY C 62 -20.09 -11.38 -4.63
N PHE C 63 -19.21 -10.42 -4.37
CA PHE C 63 -19.52 -9.33 -3.43
C PHE C 63 -18.70 -8.09 -3.79
N SER C 64 -19.15 -6.94 -3.28
CA SER C 64 -18.44 -5.69 -3.49
C SER C 64 -18.45 -4.88 -2.20
N GLU C 65 -19.39 -5.19 -1.31
CA GLU C 65 -19.53 -4.48 -0.05
C GLU C 65 -18.87 -5.17 1.14
N VAL C 66 -17.99 -4.44 1.82
CA VAL C 66 -17.28 -4.98 2.97
C VAL C 66 -17.13 -3.93 4.07
N ILE C 67 -17.38 -4.34 5.31
CA ILE C 67 -17.25 -3.46 6.46
C ILE C 67 -16.03 -3.92 7.25
N PHE C 68 -15.13 -2.98 7.54
CA PHE C 68 -13.90 -3.27 8.29
C PHE C 68 -14.05 -2.74 9.71
N ARG C 69 -14.00 -3.64 10.69
CA ARG C 69 -14.12 -3.28 12.12
C ARG C 69 -12.80 -3.58 12.83
N THR D 1 -12.94 25.01 4.77
CA THR D 1 -14.02 24.04 5.10
C THR D 1 -14.01 23.77 6.60
N PRO D 2 -15.20 23.83 7.24
CA PRO D 2 -15.33 23.60 8.69
C PRO D 2 -15.22 22.14 9.11
N ASP D 3 -14.69 21.95 10.32
CA ASP D 3 -14.55 20.62 10.92
C ASP D 3 -15.93 20.02 11.11
N CYS D 4 -16.06 18.75 10.82
CA CYS D 4 -17.34 18.05 10.99
C CYS D 4 -17.20 17.13 12.20
N VAL D 5 -16.24 16.22 12.13
CA VAL D 5 -15.98 15.30 13.24
C VAL D 5 -14.49 15.05 13.44
N THR D 6 -14.15 14.70 14.68
CA THR D 6 -12.77 14.39 15.04
C THR D 6 -12.86 13.16 15.93
N GLY D 7 -11.94 12.23 15.73
CA GLY D 7 -11.93 11.02 16.52
C GLY D 7 -11.25 9.89 15.78
N LYS D 8 -11.34 8.70 16.37
CA LYS D 8 -10.76 7.53 15.75
C LYS D 8 -11.78 6.87 14.84
N VAL D 9 -11.29 6.18 13.81
CA VAL D 9 -12.17 5.50 12.87
C VAL D 9 -12.82 4.26 13.51
N GLU D 10 -14.14 4.30 13.68
CA GLU D 10 -14.90 3.20 14.28
C GLU D 10 -14.96 2.01 13.32
N TYR D 11 -15.20 2.31 12.05
CA TYR D 11 -15.26 1.30 11.01
C TYR D 11 -15.30 1.94 9.65
N THR D 12 -14.94 1.17 8.63
CA THR D 12 -14.96 1.65 7.27
C THR D 12 -15.80 0.69 6.43
N LYS D 13 -16.28 1.17 5.29
CA LYS D 13 -17.10 0.35 4.43
C LYS D 13 -16.90 0.67 2.94
N TYR D 14 -16.62 -0.37 2.17
CA TYR D 14 -16.48 -0.22 0.73
C TYR D 14 -17.91 -0.41 0.21
N ASN D 15 -18.36 0.54 -0.61
CA ASN D 15 -19.72 0.52 -1.14
C ASN D 15 -19.77 0.03 -2.58
N ASP D 16 -20.96 -0.42 -2.98
CA ASP D 16 -21.17 -0.93 -4.33
C ASP D 16 -20.86 0.07 -5.44
N GLU D 17 -21.07 1.36 -5.17
CA GLU D 17 -20.82 2.42 -6.15
C GLU D 17 -19.37 2.92 -6.15
N ASP D 18 -18.47 2.11 -5.61
CA ASP D 18 -17.03 2.41 -5.51
C ASP D 18 -16.66 3.58 -4.60
N THR D 19 -17.57 3.95 -3.70
CA THR D 19 -17.29 5.01 -2.74
C THR D 19 -16.83 4.35 -1.44
N PHE D 20 -16.30 5.15 -0.52
CA PHE D 20 -15.79 4.63 0.74
C PHE D 20 -16.41 5.36 1.91
N THR D 21 -17.03 4.59 2.80
CA THR D 21 -17.67 5.16 3.98
C THR D 21 -16.84 5.01 5.25
N VAL D 22 -16.82 6.06 6.07
CA VAL D 22 -16.10 6.04 7.35
C VAL D 22 -17.01 6.50 8.48
N LYS D 23 -16.88 5.85 9.63
CA LYS D 23 -17.67 6.22 10.79
C LYS D 23 -16.70 6.82 11.81
N VAL D 24 -16.84 8.12 12.04
CA VAL D 24 -16.00 8.82 13.00
C VAL D 24 -16.94 9.62 13.90
N GLY D 25 -16.81 9.42 15.21
CA GLY D 25 -17.67 10.11 16.15
C GLY D 25 -19.09 9.59 16.06
N ASP D 26 -20.05 10.49 15.82
CA ASP D 26 -21.44 10.11 15.70
C ASP D 26 -21.94 10.13 14.24
N LYS D 27 -21.03 10.40 13.30
CA LYS D 27 -21.39 10.48 11.88
C LYS D 27 -20.78 9.40 10.99
N GLU D 28 -21.55 9.02 9.97
CA GLU D 28 -21.11 8.05 8.98
C GLU D 28 -21.02 8.92 7.72
N LEU D 29 -19.81 9.05 7.18
CA LEU D 29 -19.57 9.88 5.99
C LEU D 29 -18.92 9.10 4.86
N PHE D 30 -19.14 9.55 3.62
CA PHE D 30 -18.54 8.87 2.47
C PHE D 30 -17.68 9.80 1.63
N THR D 31 -16.80 9.21 0.84
CA THR D 31 -15.92 9.95 -0.06
C THR D 31 -15.81 9.20 -1.37
N ASN D 32 -15.77 9.95 -2.47
CA ASN D 32 -15.64 9.36 -3.80
C ASN D 32 -14.18 9.42 -4.27
N ARG D 33 -13.28 9.82 -3.37
CA ARG D 33 -11.86 9.92 -3.70
C ARG D 33 -11.20 8.58 -3.44
N ALA D 34 -10.90 7.86 -4.52
CA ALA D 34 -10.27 6.55 -4.44
C ALA D 34 -8.96 6.53 -3.64
N ASN D 35 -8.14 7.58 -3.78
CA ASN D 35 -6.85 7.66 -3.07
C ASN D 35 -6.98 7.62 -1.55
N LEU D 36 -8.13 8.04 -1.03
CA LEU D 36 -8.39 8.05 0.40
C LEU D 36 -8.69 6.70 1.03
N GLN D 37 -9.01 5.70 0.20
CA GLN D 37 -9.34 4.38 0.71
C GLN D 37 -8.25 3.71 1.53
N SER D 38 -7.06 3.55 0.95
CA SER D 38 -5.93 2.93 1.67
C SER D 38 -5.46 3.79 2.84
N LEU D 39 -5.49 5.10 2.66
CA LEU D 39 -5.08 6.04 3.69
C LEU D 39 -5.97 5.93 4.94
N LEU D 40 -7.28 5.87 4.72
CA LEU D 40 -8.24 5.77 5.80
C LEU D 40 -8.17 4.44 6.53
N LEU D 41 -8.00 3.35 5.79
CA LEU D 41 -7.89 2.04 6.40
C LEU D 41 -6.62 2.00 7.25
N SER D 42 -5.55 2.63 6.77
CA SER D 42 -4.28 2.67 7.49
C SER D 42 -4.45 3.42 8.82
N ALA D 43 -5.18 4.52 8.76
CA ALA D 43 -5.46 5.35 9.94
C ALA D 43 -6.29 4.55 10.93
N GLN D 44 -7.23 3.75 10.41
CA GLN D 44 -8.07 2.91 11.25
C GLN D 44 -7.24 1.84 11.98
N ILE D 45 -6.38 1.15 11.23
CA ILE D 45 -5.54 0.09 11.77
C ILE D 45 -4.54 0.57 12.82
N THR D 46 -3.92 1.72 12.58
CA THR D 46 -2.93 2.27 13.48
C THR D 46 -3.48 3.14 14.60
N GLY D 47 -4.81 3.31 14.62
CA GLY D 47 -5.45 4.11 15.64
C GLY D 47 -5.21 5.61 15.59
N MET D 48 -5.00 6.17 14.40
CA MET D 48 -4.77 7.60 14.26
C MET D 48 -6.02 8.42 14.54
N THR D 49 -5.81 9.67 14.95
CA THR D 49 -6.93 10.57 15.18
C THR D 49 -7.17 11.26 13.85
N VAL D 50 -8.39 11.17 13.38
CA VAL D 50 -8.79 11.74 12.11
C VAL D 50 -9.76 12.91 12.30
N THR D 51 -9.62 13.93 11.46
CA THR D 51 -10.50 15.08 11.47
C THR D 51 -11.06 15.25 10.06
N ILE D 52 -12.36 15.12 9.92
CA ILE D 52 -12.99 15.26 8.62
C ILE D 52 -13.66 16.61 8.48
N LYS D 53 -13.30 17.32 7.42
CA LYS D 53 -13.86 18.64 7.13
C LYS D 53 -14.87 18.53 5.99
N THR D 54 -16.09 18.99 6.23
CA THR D 54 -17.12 18.98 5.20
C THR D 54 -18.30 19.87 5.55
N ASN D 55 -18.92 20.42 4.52
CA ASN D 55 -20.10 21.26 4.70
C ASN D 55 -21.34 20.38 4.85
N ALA D 56 -21.21 19.14 4.37
CA ALA D 56 -22.28 18.15 4.44
C ALA D 56 -22.11 17.32 5.71
N CYS D 57 -22.08 18.01 6.86
CA CYS D 57 -21.89 17.36 8.14
C CYS D 57 -23.16 16.75 8.71
N HIS D 58 -23.47 15.55 8.22
CA HIS D 58 -24.65 14.79 8.62
C HIS D 58 -24.43 13.37 8.09
N ASN D 59 -25.15 12.40 8.65
CA ASN D 59 -25.01 11.02 8.22
C ASN D 59 -25.32 10.89 6.73
N GLY D 60 -24.41 10.24 6.01
CA GLY D 60 -24.58 10.07 4.58
C GLY D 60 -23.95 11.21 3.81
N GLY D 61 -23.35 12.15 4.55
CA GLY D 61 -22.70 13.30 3.92
C GLY D 61 -21.40 12.94 3.23
N GLY D 62 -21.07 13.69 2.18
CA GLY D 62 -19.84 13.45 1.44
C GLY D 62 -18.71 14.33 1.92
N PHE D 63 -17.48 13.86 1.73
CA PHE D 63 -16.30 14.62 2.13
C PHE D 63 -15.13 14.29 1.24
N SER D 64 -14.11 15.16 1.29
CA SER D 64 -12.88 14.98 0.54
C SER D 64 -11.68 15.40 1.38
N GLU D 65 -11.94 16.24 2.39
CA GLU D 65 -10.88 16.75 3.26
C GLU D 65 -10.73 15.99 4.57
N VAL D 66 -9.52 15.48 4.80
CA VAL D 66 -9.23 14.73 6.01
C VAL D 66 -7.86 15.10 6.58
N ILE D 67 -7.80 15.26 7.90
CA ILE D 67 -6.55 15.56 8.59
C ILE D 67 -6.15 14.30 9.38
N PHE D 68 -4.89 13.87 9.22
CA PHE D 68 -4.38 12.69 9.89
C PHE D 68 -3.38 13.07 10.98
N ARG D 69 -3.67 12.69 12.23
CA ARG D 69 -2.76 12.99 13.34
C ARG D 69 -2.29 11.70 14.02
N THR E 1 18.17 21.17 -5.54
CA THR E 1 17.12 21.87 -4.75
C THR E 1 17.52 21.94 -3.27
N PRO E 2 17.43 23.13 -2.67
CA PRO E 2 17.80 23.31 -1.26
C PRO E 2 16.83 22.74 -0.24
N ASP E 3 17.37 22.32 0.90
CA ASP E 3 16.59 21.78 2.00
C ASP E 3 15.69 22.88 2.54
N CYS E 4 14.43 22.54 2.83
CA CYS E 4 13.50 23.50 3.38
C CYS E 4 13.30 23.18 4.85
N VAL E 5 12.84 21.97 5.13
CA VAL E 5 12.62 21.51 6.50
C VAL E 5 13.02 20.06 6.70
N THR E 6 13.40 19.74 7.93
CA THR E 6 13.77 18.39 8.31
C THR E 6 13.09 18.11 9.64
N GLY E 7 12.54 16.93 9.78
CA GLY E 7 11.86 16.59 11.01
C GLY E 7 10.85 15.50 10.83
N LYS E 8 10.06 15.26 11.87
CA LYS E 8 9.03 14.23 11.82
C LYS E 8 7.71 14.86 11.39
N VAL E 9 6.91 14.08 10.66
CA VAL E 9 5.62 14.56 10.16
C VAL E 9 4.64 14.74 11.31
N GLU E 10 4.29 15.99 11.60
CA GLU E 10 3.35 16.32 12.67
C GLU E 10 1.94 15.87 12.27
N TYR E 11 1.55 16.20 11.04
CA TYR E 11 0.25 15.79 10.53
C TYR E 11 0.20 15.92 9.02
N THR E 12 -0.76 15.22 8.43
CA THR E 12 -0.97 15.28 7.00
C THR E 12 -2.42 15.64 6.74
N LYS E 13 -2.68 16.15 5.54
CA LYS E 13 -4.03 16.56 5.19
C LYS E 13 -4.30 16.33 3.71
N TYR E 14 -5.42 15.67 3.42
CA TYR E 14 -5.83 15.46 2.04
C TYR E 14 -6.71 16.67 1.72
N ASN E 15 -6.39 17.34 0.63
CA ASN E 15 -7.11 18.55 0.23
C ASN E 15 -8.16 18.30 -0.85
N ASP E 16 -9.13 19.21 -0.93
CA ASP E 16 -10.22 19.11 -1.89
C ASP E 16 -9.76 19.05 -3.34
N GLU E 17 -8.65 19.72 -3.65
CA GLU E 17 -8.09 19.75 -4.99
C GLU E 17 -7.16 18.57 -5.30
N ASP E 18 -7.29 17.50 -4.52
CA ASP E 18 -6.51 16.28 -4.66
C ASP E 18 -5.02 16.42 -4.38
N THR E 19 -4.64 17.47 -3.67
CA THR E 19 -3.24 17.67 -3.31
C THR E 19 -3.07 17.14 -1.88
N PHE E 20 -1.83 17.04 -1.43
CA PHE E 20 -1.54 16.50 -0.10
C PHE E 20 -0.65 17.44 0.69
N THR E 21 -1.11 17.81 1.88
CA THR E 21 -0.37 18.71 2.73
C THR E 21 0.35 18.01 3.88
N VAL E 22 1.58 18.42 4.14
CA VAL E 22 2.36 17.87 5.25
C VAL E 22 2.90 18.98 6.13
N LYS E 23 2.90 18.75 7.43
CA LYS E 23 3.41 19.72 8.39
C LYS E 23 4.69 19.11 8.96
N VAL E 24 5.83 19.72 8.61
CA VAL E 24 7.12 19.28 9.09
C VAL E 24 7.84 20.51 9.61
N GLY E 25 8.28 20.46 10.87
CA GLY E 25 8.96 21.59 11.47
C GLY E 25 7.98 22.73 11.70
N ASP E 26 8.30 23.90 11.17
CA ASP E 26 7.43 25.07 11.33
C ASP E 26 6.66 25.40 10.05
N LYS E 27 6.79 24.55 9.03
CA LYS E 27 6.13 24.77 7.75
C LYS E 27 5.06 23.75 7.37
N GLU E 28 4.07 24.24 6.66
CA GLU E 28 2.98 23.41 6.15
C GLU E 28 3.19 23.50 4.65
N LEU E 29 3.49 22.37 4.02
CA LEU E 29 3.75 22.33 2.58
C LEU E 29 2.85 21.32 1.86
N PHE E 30 2.59 21.56 0.57
CA PHE E 30 1.75 20.65 -0.20
C PHE E 30 2.46 20.08 -1.44
N THR E 31 1.96 18.94 -1.90
CA THR E 31 2.49 18.31 -3.10
C THR E 31 1.33 17.84 -3.97
N ASN E 32 1.49 17.96 -5.29
CA ASN E 32 0.47 17.52 -6.23
C ASN E 32 0.82 16.12 -6.78
N ARG E 33 1.87 15.51 -6.22
CA ARG E 33 2.31 14.19 -6.66
C ARG E 33 1.55 13.12 -5.88
N ALA E 34 0.61 12.48 -6.56
CA ALA E 34 -0.24 11.45 -5.97
C ALA E 34 0.52 10.28 -5.33
N ASN E 35 1.63 9.87 -5.96
CA ASN E 35 2.45 8.76 -5.44
C ASN E 35 3.03 9.01 -4.05
N LEU E 36 3.19 10.28 -3.70
CA LEU E 36 3.74 10.66 -2.41
C LEU E 36 2.78 10.52 -1.22
N GLN E 37 1.48 10.46 -1.49
CA GLN E 37 0.49 10.36 -0.42
C GLN E 37 0.67 9.17 0.52
N SER E 38 0.71 7.95 -0.03
CA SER E 38 0.87 6.76 0.82
C SER E 38 2.28 6.72 1.46
N LEU E 39 3.28 7.18 0.73
CA LEU E 39 4.65 7.20 1.22
C LEU E 39 4.78 8.12 2.44
N LEU E 40 4.19 9.31 2.35
CA LEU E 40 4.23 10.27 3.43
C LEU E 40 3.47 9.80 4.67
N LEU E 41 2.29 9.19 4.46
CA LEU E 41 1.52 8.69 5.59
C LEU E 41 2.30 7.56 6.28
N SER E 42 2.99 6.74 5.50
CA SER E 42 3.78 5.64 6.05
C SER E 42 4.91 6.19 6.91
N ALA E 43 5.53 7.27 6.45
CA ALA E 43 6.61 7.93 7.18
C ALA E 43 6.07 8.53 8.47
N GLN E 44 4.86 9.08 8.41
CA GLN E 44 4.22 9.67 9.58
C GLN E 44 3.94 8.59 10.64
N ILE E 45 3.33 7.49 10.21
CA ILE E 45 2.99 6.38 11.10
C ILE E 45 4.19 5.74 11.78
N THR E 46 5.26 5.53 11.02
CA THR E 46 6.47 4.89 11.54
C THR E 46 7.46 5.85 12.19
N GLY E 47 7.14 7.12 12.21
CA GLY E 47 8.00 8.12 12.82
C GLY E 47 9.34 8.36 12.12
N MET E 48 9.35 8.26 10.79
CA MET E 48 10.57 8.49 10.03
C MET E 48 10.96 9.97 10.00
N THR E 49 12.24 10.23 9.81
CA THR E 49 12.71 11.60 9.68
C THR E 49 12.62 11.94 8.20
N VAL E 50 11.93 13.02 7.91
CA VAL E 50 11.73 13.46 6.56
C VAL E 50 12.43 14.79 6.28
N THR E 51 12.94 14.92 5.06
CA THR E 51 13.58 16.16 4.63
C THR E 51 12.92 16.56 3.34
N ILE E 52 12.33 17.75 3.33
CA ILE E 52 11.66 18.25 2.16
C ILE E 52 12.49 19.32 1.50
N LYS E 53 12.74 19.14 0.20
CA LYS E 53 13.51 20.10 -0.58
C LYS E 53 12.57 20.88 -1.49
N THR E 54 12.64 22.20 -1.43
CA THR E 54 11.83 23.06 -2.27
C THR E 54 12.33 24.50 -2.25
N ASN E 55 12.12 25.17 -3.37
CA ASN E 55 12.50 26.57 -3.50
C ASN E 55 11.39 27.44 -2.90
N ALA E 56 10.19 26.86 -2.79
CA ALA E 56 9.03 27.54 -2.22
C ALA E 56 8.95 27.20 -0.75
N CYS E 57 10.03 27.52 -0.03
CA CYS E 57 10.10 27.25 1.40
C CYS E 57 9.38 28.28 2.24
N HIS E 58 8.06 28.11 2.35
CA HIS E 58 7.19 28.97 3.13
C HIS E 58 5.86 28.23 3.27
N ASN E 59 5.05 28.63 4.25
CA ASN E 59 3.75 27.99 4.45
C ASN E 59 2.89 28.08 3.20
N GLY E 60 2.35 26.93 2.80
CA GLY E 60 1.54 26.86 1.60
C GLY E 60 2.39 26.59 0.38
N GLY E 61 3.70 26.45 0.58
CA GLY E 61 4.62 26.18 -0.52
C GLY E 61 4.46 24.77 -1.08
N GLY E 62 4.73 24.61 -2.38
CA GLY E 62 4.63 23.31 -3.01
C GLY E 62 5.97 22.60 -3.04
N PHE E 63 5.95 21.27 -3.13
CA PHE E 63 7.18 20.50 -3.17
C PHE E 63 6.94 19.19 -3.91
N SER E 64 8.03 18.53 -4.30
CA SER E 64 7.97 17.25 -4.99
C SER E 64 9.11 16.36 -4.49
N GLU E 65 10.14 16.99 -3.94
CA GLU E 65 11.31 16.26 -3.45
C GLU E 65 11.29 15.98 -1.95
N VAL E 66 11.41 14.71 -1.60
CA VAL E 66 11.42 14.29 -0.20
C VAL E 66 12.44 13.20 0.07
N ILE E 67 13.16 13.33 1.18
CA ILE E 67 14.15 12.34 1.59
C ILE E 67 13.59 11.62 2.82
N PHE E 68 13.58 10.28 2.77
CA PHE E 68 13.08 9.46 3.87
C PHE E 68 14.26 8.80 4.60
N ARG E 69 14.38 9.05 5.90
CA ARG E 69 15.45 8.46 6.72
C ARG E 69 14.89 7.69 7.91
#